data_5O71
#
_entry.id   5O71
#
_cell.length_a   140.806
_cell.length_b   140.806
_cell.length_c   190.156
_cell.angle_alpha   90.00
_cell.angle_beta   90.00
_cell.angle_gamma   90.00
#
_symmetry.space_group_name_H-M   'I 4 2 2'
#
_entity_poly.entity_id   1
_entity_poly.type   'polypeptide(L)'
_entity_poly.pdbx_seq_one_letter_code
;GSMTVEQNVLQQSAAQKHQQTFLNQLREITGINDTQILQQALKDSNGNLELAVAFLTAKNAKTPQQEETTYYQTALPGND
RYISVGSQADTNVIDLTGDDKDDLQRAIALSLAESNRAFRETGITDEEQAISRVLEASIAENKACLKRTPTEVWRDSRNP
YDRKRQDKAPVGLKNVGNTCWFSAVIQSLFNLLEFRRLVLNYKPPSNAQDLPRNQKEHRNLPFMRELRYLFALLVGTKRK
YVDPSRAVEILKDAFKSNDSQQQDVSEFTHKLLDWLEDAFQMKAEEETDEEKPKNPMVELFYGRFLAVGVLEGKKFENTE
MFGQYPLQVNGFKDLHECLEAAMIEGEIESLHSENSGKSGQEHWFTELPPVLTFELSRFEFNQALGRPEKIHNKLEFPQV
LYLDRYMHRNREITRIKREEIKRLKDYLTVLQQRLERYLSYGSGPKRFPLVDVLQYALEFASSKPVCTSPVDDIDASSPP
SGSIPSQTLPSTTEQQGALSSELPSTSPSSVAAISSRSVIHKPFTQSRIPPDLPMHPAPRHITEEELSVLESCLHRWRTE
IENDTRDLQESISRIHRTIELMYSDKSMIQVPYRLHAVLVHEGQANAGHYWAYIFDHRESRWMKYNDIAVTKSSWEELVR
DSFGGYRNASAYCLMYINDKAQFLIQEEFNKETGQPLVGIETLPPDLRDFVEEDNQRFEKELEEWDAQLAQKALQE
;
_entity_poly.pdbx_strand_id   A
#
# COMPACT_ATOMS: atom_id res chain seq x y z
N TYR A 161 -8.19 -17.23 34.21
CA TYR A 161 -7.30 -17.74 33.13
C TYR A 161 -7.98 -18.87 32.35
N ASP A 162 -9.02 -18.47 31.61
CA ASP A 162 -9.62 -19.33 30.59
C ASP A 162 -10.40 -18.48 29.57
N ARG A 163 -9.71 -18.15 28.47
CA ARG A 163 -10.20 -17.21 27.44
C ARG A 163 -10.41 -17.85 26.07
N LYS A 164 -11.70 -17.91 25.69
CA LYS A 164 -12.22 -18.57 24.49
C LYS A 164 -12.60 -17.51 23.47
N ARG A 165 -13.26 -17.91 22.38
CA ARG A 165 -13.84 -16.94 21.43
C ARG A 165 -14.81 -15.95 22.08
N GLN A 166 -15.20 -14.95 21.28
CA GLN A 166 -16.18 -13.96 21.71
C GLN A 166 -17.25 -13.82 20.62
N ASP A 167 -18.41 -14.42 20.87
CA ASP A 167 -19.58 -14.37 19.99
C ASP A 167 -19.29 -15.00 18.61
N LYS A 168 -18.45 -16.04 18.57
CA LYS A 168 -17.98 -16.64 17.32
C LYS A 168 -17.33 -15.62 16.36
N ALA A 169 -16.28 -14.96 16.87
CA ALA A 169 -15.42 -14.03 16.10
C ALA A 169 -14.45 -14.76 15.13
N PRO A 170 -13.46 -14.05 14.56
CA PRO A 170 -12.29 -14.72 13.95
C PRO A 170 -11.21 -15.08 14.96
N VAL A 171 -10.47 -16.15 14.67
CA VAL A 171 -9.48 -16.69 15.62
C VAL A 171 -8.07 -16.38 15.12
N GLY A 172 -7.21 -15.95 16.05
CA GLY A 172 -5.82 -15.61 15.76
C GLY A 172 -4.92 -16.80 15.93
N LEU A 173 -3.62 -16.54 15.91
CA LEU A 173 -2.60 -17.58 16.02
C LEU A 173 -1.49 -17.12 16.95
N LYS A 174 -1.20 -17.93 17.97
CA LYS A 174 -0.02 -17.72 18.79
C LYS A 174 1.15 -18.18 17.95
N ASN A 175 1.90 -17.24 17.39
CA ASN A 175 3.13 -17.62 16.69
C ASN A 175 4.21 -17.80 17.73
N VAL A 176 5.19 -18.65 17.37
CA VAL A 176 5.97 -19.46 18.32
C VAL A 176 7.42 -18.97 18.50
N GLY A 177 8.14 -18.73 17.39
CA GLY A 177 9.53 -18.24 17.44
C GLY A 177 9.74 -16.94 16.68
N ASN A 178 8.93 -15.93 17.00
CA ASN A 178 8.86 -14.68 16.22
C ASN A 178 8.87 -14.98 14.70
N THR A 179 8.03 -15.95 14.32
CA THR A 179 7.86 -16.38 12.92
C THR A 179 6.47 -15.90 12.39
N CYS A 180 6.05 -14.70 12.83
CA CYS A 180 4.72 -14.09 12.60
C CYS A 180 4.31 -14.08 11.11
N TRP A 181 5.35 -13.91 10.28
CA TRP A 181 5.23 -14.04 8.83
C TRP A 181 4.30 -15.18 8.43
N PHE A 182 4.31 -16.26 9.22
CA PHE A 182 3.37 -17.38 9.05
C PHE A 182 1.93 -16.91 9.26
N SER A 183 1.59 -16.54 10.49
CA SER A 183 0.23 -16.10 10.82
C SER A 183 -0.27 -15.09 9.79
N ALA A 184 0.58 -14.11 9.51
CA ALA A 184 0.30 -13.14 8.43
C ALA A 184 -0.16 -13.81 7.16
N VAL A 185 0.70 -14.65 6.60
CA VAL A 185 0.46 -15.21 5.27
C VAL A 185 -0.68 -16.24 5.27
N ILE A 186 -0.75 -17.06 6.30
CA ILE A 186 -1.82 -18.04 6.46
C ILE A 186 -3.14 -17.33 6.54
N GLN A 187 -3.30 -16.42 7.52
CA GLN A 187 -4.61 -15.78 7.71
C GLN A 187 -5.14 -15.15 6.42
N SER A 188 -4.22 -14.67 5.57
CA SER A 188 -4.57 -14.15 4.24
C SER A 188 -5.15 -15.19 3.31
N LEU A 189 -4.51 -16.36 3.24
CA LEU A 189 -5.01 -17.49 2.44
C LEU A 189 -6.30 -18.12 2.99
N PHE A 190 -6.36 -18.26 4.31
CA PHE A 190 -7.55 -18.74 5.01
C PHE A 190 -8.79 -17.90 4.73
N ASN A 191 -8.66 -16.58 4.78
CA ASN A 191 -9.81 -15.70 4.53
C ASN A 191 -10.24 -15.58 3.07
N LEU A 192 -9.38 -16.08 2.18
CA LEU A 192 -9.73 -16.26 0.79
C LEU A 192 -10.47 -17.60 0.59
N LEU A 193 -11.80 -17.56 0.59
CA LEU A 193 -12.63 -18.75 0.87
C LEU A 193 -12.37 -19.90 -0.05
N GLU A 194 -12.30 -19.65 -1.35
CA GLU A 194 -12.06 -20.73 -2.34
C GLU A 194 -10.81 -21.56 -2.02
N PHE A 195 -9.72 -20.87 -1.74
CA PHE A 195 -8.53 -21.58 -1.31
C PHE A 195 -8.76 -22.37 -0.01
N ARG A 196 -9.54 -21.82 0.92
CA ARG A 196 -9.90 -22.55 2.13
C ARG A 196 -10.70 -23.80 1.85
N ARG A 197 -11.64 -23.73 0.91
CA ARG A 197 -12.33 -24.94 0.50
C ARG A 197 -11.31 -25.95 -0.02
N LEU A 198 -10.50 -25.54 -0.99
CA LEU A 198 -9.45 -26.40 -1.57
C LEU A 198 -8.63 -27.16 -0.54
N VAL A 199 -8.21 -26.48 0.52
CA VAL A 199 -7.38 -27.09 1.58
C VAL A 199 -8.18 -28.08 2.45
N LEU A 200 -9.47 -27.82 2.63
CA LEU A 200 -10.32 -28.73 3.38
C LEU A 200 -10.80 -29.94 2.56
N ASN A 201 -11.00 -29.76 1.26
CA ASN A 201 -11.31 -30.88 0.34
C ASN A 201 -10.04 -31.51 -0.24
N TYR A 202 -8.96 -31.56 0.53
CA TYR A 202 -7.74 -32.22 0.09
C TYR A 202 -7.51 -33.41 1.00
N LYS A 203 -7.28 -34.58 0.39
CA LYS A 203 -6.71 -35.75 1.07
C LYS A 203 -5.47 -36.29 0.33
N PRO A 204 -4.54 -36.92 1.10
CA PRO A 204 -3.24 -37.33 0.51
C PRO A 204 -3.41 -38.32 -0.67
N PRO A 205 -3.16 -37.86 -1.91
CA PRO A 205 -3.50 -38.65 -3.10
C PRO A 205 -2.63 -39.88 -3.28
N SER A 206 -3.26 -41.03 -3.52
CA SER A 206 -2.57 -42.33 -3.61
C SER A 206 -3.09 -43.17 -4.78
N GLU A 217 10.54 -34.34 -2.21
CA GLU A 217 10.26 -33.64 -0.96
C GLU A 217 8.90 -34.03 -0.40
N HIS A 218 8.89 -35.06 0.45
CA HIS A 218 7.67 -35.65 1.00
C HIS A 218 7.44 -35.29 2.49
N ARG A 219 8.03 -34.19 2.96
CA ARG A 219 7.47 -33.43 4.10
C ARG A 219 6.27 -32.62 3.59
N ASN A 220 6.24 -32.38 2.29
CA ASN A 220 5.12 -31.80 1.55
C ASN A 220 3.73 -32.22 2.06
N LEU A 221 3.51 -33.51 2.18
CA LEU A 221 2.17 -34.04 2.48
C LEU A 221 1.76 -34.01 3.98
N PRO A 222 2.65 -34.40 4.91
CA PRO A 222 2.26 -34.25 6.32
C PRO A 222 2.09 -32.81 6.77
N PHE A 223 2.78 -31.86 6.11
CA PHE A 223 2.52 -30.44 6.33
C PHE A 223 1.07 -30.14 6.03
N MET A 224 0.67 -30.43 4.80
CA MET A 224 -0.65 -30.05 4.30
C MET A 224 -1.81 -30.72 5.03
N ARG A 225 -1.52 -31.90 5.60
CA ARG A 225 -2.39 -32.55 6.58
C ARG A 225 -2.58 -31.68 7.84
N GLU A 226 -1.48 -31.22 8.44
CA GLU A 226 -1.51 -30.34 9.63
C GLU A 226 -2.07 -28.92 9.34
N LEU A 227 -1.88 -28.46 8.10
CA LEU A 227 -2.52 -27.26 7.59
C LEU A 227 -4.01 -27.50 7.53
N ARG A 228 -4.42 -28.54 6.80
CA ARG A 228 -5.82 -28.98 6.83
C ARG A 228 -6.37 -29.00 8.28
N TYR A 229 -5.62 -29.60 9.22
CA TYR A 229 -6.06 -29.62 10.63
C TYR A 229 -6.15 -28.23 11.26
N LEU A 230 -5.21 -27.33 10.92
CA LEU A 230 -5.25 -25.98 11.47
C LEU A 230 -6.36 -25.11 10.90
N PHE A 231 -6.64 -25.26 9.59
CA PHE A 231 -7.79 -24.58 8.98
C PHE A 231 -9.07 -25.04 9.64
N ALA A 232 -9.28 -26.35 9.66
CA ALA A 232 -10.38 -26.92 10.42
C ALA A 232 -10.59 -26.23 11.77
N LEU A 233 -9.50 -26.14 12.52
CA LEU A 233 -9.51 -25.50 13.83
C LEU A 233 -9.94 -24.04 13.71
N LEU A 234 -9.35 -23.32 12.75
CA LEU A 234 -9.63 -21.88 12.58
C LEU A 234 -11.09 -21.58 12.29
N VAL A 235 -11.80 -22.55 11.71
CA VAL A 235 -13.21 -22.43 11.43
C VAL A 235 -14.04 -22.72 12.68
N GLY A 236 -13.88 -23.94 13.21
CA GLY A 236 -14.77 -24.48 14.23
C GLY A 236 -14.26 -24.64 15.65
N THR A 237 -13.11 -24.05 16.00
CA THR A 237 -12.68 -23.98 17.41
C THR A 237 -13.62 -23.08 18.14
N LYS A 238 -13.80 -23.36 19.42
CA LYS A 238 -14.52 -22.43 20.28
C LYS A 238 -13.54 -21.51 21.00
N ARG A 239 -12.23 -21.82 20.93
CA ARG A 239 -11.24 -21.09 21.72
C ARG A 239 -10.54 -20.00 20.92
N LYS A 240 -10.03 -18.99 21.63
CA LYS A 240 -9.60 -17.72 21.02
C LYS A 240 -8.51 -17.83 19.94
N TYR A 241 -7.51 -18.68 20.15
CA TYR A 241 -6.44 -18.86 19.16
C TYR A 241 -6.04 -20.32 19.04
N VAL A 242 -5.13 -20.60 18.12
CA VAL A 242 -4.63 -21.95 17.93
C VAL A 242 -3.10 -21.88 17.90
N ASP A 243 -2.47 -22.99 18.27
CA ASP A 243 -1.05 -23.15 18.15
C ASP A 243 -0.77 -23.84 16.81
N PRO A 244 -0.29 -23.09 15.80
CA PRO A 244 0.00 -23.70 14.54
C PRO A 244 1.38 -24.35 14.50
N SER A 245 2.13 -24.31 15.60
CA SER A 245 3.51 -24.80 15.60
C SER A 245 3.65 -26.22 15.05
N ARG A 246 2.63 -27.06 15.23
CA ARG A 246 2.61 -28.38 14.58
C ARG A 246 3.01 -28.27 13.11
N ALA A 247 2.33 -27.40 12.37
CA ALA A 247 2.62 -27.16 10.95
C ALA A 247 3.89 -26.34 10.69
N VAL A 248 4.22 -25.45 11.61
CA VAL A 248 5.37 -24.57 11.42
C VAL A 248 6.63 -25.44 11.48
N GLU A 249 6.77 -26.13 12.62
CA GLU A 249 7.85 -27.10 12.87
C GLU A 249 8.22 -27.89 11.62
N ILE A 250 7.21 -28.25 10.83
CA ILE A 250 7.42 -29.01 9.60
C ILE A 250 8.25 -28.23 8.56
N LEU A 251 7.83 -27.03 8.19
CA LEU A 251 8.67 -26.27 7.23
C LEU A 251 9.88 -25.62 7.89
N LYS A 252 9.90 -25.55 9.22
CA LYS A 252 11.09 -25.11 9.98
C LYS A 252 12.31 -26.02 9.77
N ASP A 253 12.24 -27.27 10.22
CA ASP A 253 13.39 -28.19 10.10
C ASP A 253 13.71 -28.59 8.63
N ALA A 254 12.73 -28.44 7.73
CA ALA A 254 12.94 -28.56 6.27
C ALA A 254 14.10 -27.73 5.64
N PHE A 255 14.72 -26.81 6.41
CA PHE A 255 16.04 -26.26 6.07
C PHE A 255 17.11 -26.69 7.08
N LYS A 256 17.24 -28.00 7.24
CA LYS A 256 18.38 -28.63 7.90
C LYS A 256 18.87 -29.82 7.04
N SER A 257 19.94 -30.49 7.47
CA SER A 257 20.47 -31.65 6.75
C SER A 257 21.30 -32.56 7.65
N GLN A 263 17.76 -20.75 4.60
CA GLN A 263 17.77 -20.06 5.89
C GLN A 263 17.39 -18.54 5.84
N ASP A 264 16.58 -18.13 4.86
CA ASP A 264 15.93 -16.79 4.79
C ASP A 264 14.60 -16.81 5.59
N VAL A 265 13.82 -15.73 5.54
CA VAL A 265 12.40 -15.72 5.95
C VAL A 265 11.48 -15.78 4.74
N SER A 266 11.96 -15.22 3.63
CA SER A 266 11.29 -15.27 2.34
C SER A 266 11.70 -16.46 1.49
N GLU A 267 12.37 -17.45 2.10
CA GLU A 267 12.53 -18.78 1.47
C GLU A 267 11.57 -19.77 2.15
N PHE A 268 11.56 -19.78 3.49
CA PHE A 268 10.50 -20.45 4.27
C PHE A 268 9.11 -20.40 3.61
N THR A 269 8.71 -19.22 3.12
CA THR A 269 7.42 -19.07 2.43
C THR A 269 7.49 -19.65 1.02
N HIS A 270 8.56 -19.31 0.30
CA HIS A 270 8.76 -19.80 -1.08
C HIS A 270 8.62 -21.31 -1.14
N LYS A 271 9.09 -22.01 -0.11
CA LYS A 271 8.88 -23.45 -0.02
C LYS A 271 7.41 -23.75 0.29
N LEU A 272 6.84 -23.11 1.31
CA LEU A 272 5.42 -23.29 1.65
C LEU A 272 4.47 -23.11 0.47
N LEU A 273 4.83 -22.28 -0.49
CA LEU A 273 4.03 -22.16 -1.70
C LEU A 273 4.32 -23.29 -2.69
N ASP A 274 5.60 -23.68 -2.84
CA ASP A 274 5.98 -24.85 -3.66
C ASP A 274 5.20 -26.09 -3.20
N TRP A 275 5.25 -26.35 -1.89
CA TRP A 275 4.52 -27.47 -1.27
C TRP A 275 3.08 -27.51 -1.71
N LEU A 276 2.36 -26.40 -1.63
CA LEU A 276 0.97 -26.40 -2.01
C LEU A 276 0.86 -26.58 -3.52
N GLU A 277 1.51 -25.69 -4.27
CA GLU A 277 1.56 -25.79 -5.75
C GLU A 277 1.79 -27.22 -6.22
N ASP A 278 2.83 -27.86 -5.68
CA ASP A 278 3.11 -29.27 -5.97
C ASP A 278 2.03 -30.21 -5.41
N ALA A 279 1.60 -30.01 -4.17
CA ALA A 279 0.63 -30.93 -3.53
C ALA A 279 -0.78 -30.88 -4.13
N PHE A 280 -1.19 -29.71 -4.64
CA PHE A 280 -2.47 -29.64 -5.38
C PHE A 280 -2.36 -30.16 -6.81
N GLN A 281 -1.15 -30.16 -7.36
CA GLN A 281 -0.86 -30.88 -8.60
C GLN A 281 -1.06 -32.40 -8.41
N MET A 282 -0.58 -32.91 -7.27
CA MET A 282 -0.67 -34.35 -6.95
C MET A 282 -2.12 -34.83 -6.89
N LYS A 283 -2.97 -34.11 -6.17
CA LYS A 283 -4.38 -34.51 -5.99
C LYS A 283 -5.33 -34.07 -7.15
N ALA A 284 -4.83 -33.22 -8.05
CA ALA A 284 -5.50 -32.96 -9.33
C ALA A 284 -5.10 -33.99 -10.39
N GLU A 285 -4.10 -34.84 -10.07
CA GLU A 285 -3.65 -35.95 -10.93
C GLU A 285 -4.41 -37.28 -10.66
N GLU A 286 -5.48 -37.23 -9.86
CA GLU A 286 -6.36 -38.38 -9.63
C GLU A 286 -7.36 -38.56 -10.79
N GLU A 287 -7.59 -37.51 -11.58
CA GLU A 287 -8.39 -37.58 -12.82
C GLU A 287 -7.55 -37.39 -14.11
N THR A 288 -6.36 -38.00 -14.13
CA THR A 288 -5.57 -38.21 -15.36
C THR A 288 -5.89 -39.61 -15.95
N ASP A 289 -6.95 -40.26 -15.46
CA ASP A 289 -7.44 -41.54 -15.99
C ASP A 289 -7.93 -41.40 -17.44
N GLU A 290 -8.45 -40.21 -17.77
CA GLU A 290 -8.93 -39.89 -19.12
C GLU A 290 -8.43 -38.49 -19.57
N GLU A 291 -7.25 -38.04 -19.10
CA GLU A 291 -6.89 -36.60 -19.14
C GLU A 291 -5.40 -36.23 -19.11
N LYS A 292 -5.14 -34.92 -19.24
CA LYS A 292 -3.84 -34.28 -18.96
C LYS A 292 -4.05 -33.08 -18.00
N PRO A 293 -2.97 -32.61 -17.29
CA PRO A 293 -3.09 -31.79 -16.05
C PRO A 293 -3.93 -30.48 -16.04
N LYS A 294 -4.22 -29.99 -14.84
CA LYS A 294 -4.80 -28.65 -14.56
C LYS A 294 -4.90 -28.36 -13.03
N ASN A 295 -4.22 -27.31 -12.55
CA ASN A 295 -3.94 -27.09 -11.11
C ASN A 295 -4.71 -25.91 -10.48
N PRO A 296 -5.62 -26.20 -9.51
CA PRO A 296 -6.54 -25.18 -8.98
C PRO A 296 -5.87 -24.07 -8.16
N MET A 297 -4.77 -24.38 -7.47
CA MET A 297 -3.93 -23.37 -6.81
C MET A 297 -3.29 -22.43 -7.84
N VAL A 298 -2.52 -23.01 -8.77
CA VAL A 298 -1.89 -22.27 -9.87
C VAL A 298 -2.92 -21.47 -10.70
N GLU A 299 -4.16 -21.96 -10.77
CA GLU A 299 -5.26 -21.22 -11.39
C GLU A 299 -5.57 -19.90 -10.68
N LEU A 300 -5.44 -19.88 -9.34
CA LEU A 300 -5.74 -18.68 -8.55
C LEU A 300 -4.66 -17.61 -8.60
N PHE A 301 -3.43 -18.00 -8.34
CA PHE A 301 -2.37 -17.03 -8.11
C PHE A 301 -1.67 -16.56 -9.39
N TYR A 302 -1.47 -17.44 -10.35
CA TYR A 302 -0.57 -17.15 -11.48
C TYR A 302 -1.30 -16.62 -12.67
N GLY A 303 -0.60 -15.80 -13.46
CA GLY A 303 -1.16 -15.21 -14.68
C GLY A 303 -0.06 -15.12 -15.73
N ARG A 304 -0.34 -14.49 -16.86
CA ARG A 304 0.63 -14.45 -17.93
C ARG A 304 0.68 -13.06 -18.56
N PHE A 305 1.91 -12.51 -18.65
CA PHE A 305 2.17 -11.16 -19.21
C PHE A 305 3.04 -11.26 -20.47
N LEU A 306 2.83 -10.35 -21.41
CA LEU A 306 3.61 -10.29 -22.65
C LEU A 306 4.71 -9.25 -22.49
N ALA A 307 5.83 -9.46 -23.19
CA ALA A 307 7.01 -8.57 -23.15
C ALA A 307 7.44 -7.99 -24.52
N VAL A 308 6.90 -6.82 -24.90
CA VAL A 308 7.36 -6.10 -26.12
C VAL A 308 8.77 -5.58 -25.88
N GLY A 309 9.75 -6.44 -26.21
CA GLY A 309 11.17 -6.16 -25.98
C GLY A 309 11.88 -5.86 -27.29
N VAL A 310 12.19 -4.58 -27.55
CA VAL A 310 12.99 -4.16 -28.74
C VAL A 310 14.50 -4.18 -28.34
N LEU A 311 14.95 -5.36 -27.92
CA LEU A 311 16.15 -5.56 -27.06
C LEU A 311 17.48 -5.28 -27.69
N GLU A 312 17.61 -5.53 -29.00
CA GLU A 312 18.81 -5.19 -29.76
C GLU A 312 18.44 -5.02 -31.23
N GLY A 313 18.31 -3.77 -31.68
CA GLY A 313 17.98 -3.44 -33.08
C GLY A 313 16.68 -4.06 -33.60
N LYS A 314 16.67 -5.39 -33.60
CA LYS A 314 15.49 -6.20 -33.90
C LYS A 314 14.54 -6.35 -32.69
N LYS A 315 13.28 -6.59 -33.01
CA LYS A 315 12.18 -6.59 -32.04
C LYS A 315 12.12 -8.00 -31.48
N PHE A 316 11.59 -8.13 -30.26
CA PHE A 316 11.41 -9.44 -29.61
C PHE A 316 10.13 -9.38 -28.76
N GLU A 317 9.45 -10.52 -28.60
CA GLU A 317 8.08 -10.55 -28.03
C GLU A 317 7.78 -11.82 -27.19
N ASN A 318 8.22 -11.83 -25.94
CA ASN A 318 8.07 -13.00 -25.04
C ASN A 318 6.90 -12.92 -24.06
N THR A 319 5.95 -13.85 -24.17
CA THR A 319 4.90 -14.00 -23.14
C THR A 319 5.38 -14.98 -22.08
N GLU A 320 5.16 -14.63 -20.81
CA GLU A 320 5.67 -15.38 -19.68
C GLU A 320 4.63 -15.48 -18.57
N MET A 321 4.81 -16.51 -17.76
CA MET A 321 4.01 -16.74 -16.57
C MET A 321 4.54 -15.81 -15.49
N PHE A 322 3.67 -15.41 -14.56
CA PHE A 322 4.09 -14.62 -13.39
C PHE A 322 3.23 -14.88 -12.17
N GLY A 323 3.87 -14.79 -11.00
CA GLY A 323 3.21 -15.01 -9.71
C GLY A 323 2.85 -13.66 -9.13
N GLN A 324 3.51 -13.26 -8.03
CA GLN A 324 3.36 -11.89 -7.56
C GLN A 324 4.21 -11.02 -8.46
N TYR A 325 3.68 -9.90 -8.92
CA TYR A 325 4.47 -8.95 -9.68
C TYR A 325 5.29 -8.17 -8.67
N PRO A 326 6.64 -8.17 -8.81
CA PRO A 326 7.39 -7.40 -7.84
C PRO A 326 7.56 -5.95 -8.32
N LEU A 327 7.23 -5.01 -7.42
CA LEU A 327 7.34 -3.58 -7.65
C LEU A 327 8.34 -3.01 -6.68
N GLN A 328 9.00 -1.95 -7.14
CA GLN A 328 9.98 -1.22 -6.36
C GLN A 328 9.41 0.14 -6.15
N VAL A 329 9.74 0.71 -4.99
CA VAL A 329 8.99 1.81 -4.37
C VAL A 329 9.65 3.22 -4.39
N ASN A 330 10.97 3.29 -4.46
CA ASN A 330 11.70 4.58 -4.43
C ASN A 330 11.17 5.61 -5.42
N GLY A 331 10.59 6.64 -4.86
CA GLY A 331 10.36 7.87 -5.60
C GLY A 331 8.90 8.11 -5.74
N PHE A 332 8.14 7.03 -5.78
CA PHE A 332 6.78 7.10 -6.25
C PHE A 332 5.82 7.39 -5.12
N LYS A 333 4.68 7.92 -5.53
CA LYS A 333 3.69 8.50 -4.67
C LYS A 333 2.58 7.47 -4.49
N ASP A 334 2.03 7.04 -5.61
CA ASP A 334 0.94 6.07 -5.63
C ASP A 334 1.36 4.77 -6.29
N LEU A 335 0.49 3.77 -6.20
CA LEU A 335 0.77 2.44 -6.76
C LEU A 335 0.84 2.42 -8.29
N HIS A 336 -0.11 3.08 -8.94
CA HIS A 336 -0.10 3.19 -10.41
C HIS A 336 1.23 3.69 -10.98
N GLU A 337 1.65 4.85 -10.49
CA GLU A 337 2.99 5.37 -10.74
C GLU A 337 4.04 4.29 -10.50
N CYS A 338 3.86 3.57 -9.41
CA CYS A 338 4.85 2.60 -8.94
C CYS A 338 4.89 1.34 -9.81
N LEU A 339 3.82 1.13 -10.60
CA LEU A 339 3.59 -0.05 -11.42
C LEU A 339 3.96 0.27 -12.86
N GLU A 340 3.39 1.33 -13.44
CA GLU A 340 3.76 1.75 -14.82
C GLU A 340 5.27 1.64 -14.95
N ALA A 341 5.96 2.41 -14.13
CA ALA A 341 7.42 2.46 -14.11
C ALA A 341 8.11 1.13 -13.85
N ALA A 342 7.46 0.24 -13.11
CA ALA A 342 7.97 -1.13 -12.89
C ALA A 342 7.78 -2.08 -14.07
N MET A 343 6.97 -1.67 -15.05
CA MET A 343 6.70 -2.50 -16.21
C MET A 343 7.34 -1.97 -17.48
N ILE A 344 8.16 -0.94 -17.37
CA ILE A 344 8.84 -0.38 -18.54
C ILE A 344 10.35 -0.22 -18.28
N GLU A 345 11.19 -0.82 -19.13
CA GLU A 345 12.63 -0.90 -18.84
C GLU A 345 13.44 -0.47 -20.06
N GLY A 346 14.15 0.65 -19.94
CA GLY A 346 14.89 1.24 -21.05
C GLY A 346 14.04 2.13 -21.97
N GLU A 347 14.59 2.43 -23.15
CA GLU A 347 13.99 3.30 -24.18
C GLU A 347 13.10 4.44 -23.68
N GLY A 357 18.07 2.44 -33.28
CA GLY A 357 19.01 1.46 -32.70
C GLY A 357 19.33 1.75 -31.24
N LYS A 358 18.29 1.71 -30.40
CA LYS A 358 18.40 1.82 -28.92
C LYS A 358 17.57 0.71 -28.25
N SER A 359 18.22 -0.12 -27.43
CA SER A 359 17.56 -1.25 -26.76
C SER A 359 16.44 -0.81 -25.81
N GLY A 360 15.53 -1.72 -25.48
CA GLY A 360 14.38 -1.35 -24.67
C GLY A 360 13.34 -2.45 -24.50
N GLN A 361 12.49 -2.27 -23.50
CA GLN A 361 11.49 -3.28 -23.12
C GLN A 361 10.29 -2.66 -22.46
N GLU A 362 9.13 -3.27 -22.73
CA GLU A 362 7.92 -2.90 -22.02
C GLU A 362 6.97 -4.12 -21.85
N HIS A 363 6.41 -4.26 -20.65
CA HIS A 363 5.45 -5.34 -20.36
C HIS A 363 4.01 -4.87 -20.52
N TRP A 364 3.15 -5.84 -20.82
CA TRP A 364 1.71 -5.75 -20.75
C TRP A 364 1.17 -7.10 -20.28
N PHE A 365 0.06 -7.05 -19.57
CA PHE A 365 -0.60 -8.27 -19.12
C PHE A 365 -1.36 -8.92 -20.26
N THR A 366 -1.38 -10.26 -20.28
CA THR A 366 -2.20 -11.00 -21.24
C THR A 366 -3.38 -11.62 -20.51
N GLU A 367 -3.11 -12.28 -19.40
CA GLU A 367 -4.09 -12.99 -18.61
C GLU A 367 -3.80 -12.68 -17.14
N LEU A 368 -4.74 -12.05 -16.42
CA LEU A 368 -4.54 -11.78 -14.99
C LEU A 368 -4.96 -12.95 -14.18
N PRO A 369 -4.26 -13.21 -13.06
CA PRO A 369 -4.88 -14.10 -12.10
C PRO A 369 -6.09 -13.41 -11.52
N PRO A 370 -7.03 -14.18 -10.95
CA PRO A 370 -8.11 -13.62 -10.13
C PRO A 370 -7.62 -13.06 -8.81
N VAL A 371 -6.52 -13.64 -8.29
CA VAL A 371 -5.92 -13.29 -7.01
C VAL A 371 -4.54 -12.72 -7.29
N LEU A 372 -4.54 -11.43 -7.60
CA LEU A 372 -3.36 -10.72 -8.03
C LEU A 372 -2.57 -10.11 -6.86
N THR A 373 -1.33 -10.55 -6.67
CA THR A 373 -0.48 -10.02 -5.58
C THR A 373 0.66 -9.14 -6.10
N PHE A 374 1.02 -8.13 -5.30
CA PHE A 374 2.18 -7.28 -5.57
C PHE A 374 3.13 -7.21 -4.37
N GLU A 375 4.41 -7.16 -4.71
CA GLU A 375 5.49 -6.99 -3.77
C GLU A 375 5.85 -5.53 -3.84
N LEU A 376 6.12 -4.94 -2.69
CA LEU A 376 6.62 -3.59 -2.61
C LEU A 376 8.02 -3.59 -1.97
N SER A 377 9.07 -3.58 -2.78
CA SER A 377 10.41 -3.66 -2.20
C SER A 377 10.86 -2.25 -1.88
N ARG A 378 11.06 -2.03 -0.58
CA ARG A 378 11.60 -0.76 -0.09
C ARG A 378 13.09 -0.79 0.15
N PHE A 379 13.73 -1.94 -0.02
CA PHE A 379 15.17 -2.00 0.19
C PHE A 379 15.90 -1.25 -0.91
N GLU A 380 16.86 -0.42 -0.50
CA GLU A 380 17.74 0.33 -1.40
C GLU A 380 19.04 0.71 -0.71
N PHE A 381 20.13 0.87 -1.48
CA PHE A 381 21.42 1.22 -0.90
C PHE A 381 21.38 2.62 -0.29
N ASN A 382 22.04 2.79 0.85
CA ASN A 382 22.08 4.07 1.53
C ASN A 382 23.53 4.54 1.58
N GLN A 383 23.94 5.31 0.58
CA GLN A 383 25.33 5.75 0.41
C GLN A 383 25.90 6.42 1.66
N ALA A 384 25.11 7.29 2.29
CA ALA A 384 25.47 7.90 3.59
C ALA A 384 25.83 6.84 4.65
N LEU A 385 24.99 5.82 4.73
CA LEU A 385 25.30 4.67 5.54
C LEU A 385 26.12 3.71 4.70
N GLY A 386 26.39 2.54 5.26
CA GLY A 386 27.14 1.54 4.54
C GLY A 386 26.30 0.83 3.52
N ARG A 387 25.14 0.34 3.95
CA ARG A 387 24.50 -0.81 3.33
C ARG A 387 23.05 -0.57 2.99
N PRO A 388 22.39 -1.54 2.31
CA PRO A 388 21.05 -1.22 1.86
C PRO A 388 20.03 -1.33 2.97
N GLU A 389 19.10 -0.39 3.00
CA GLU A 389 18.15 -0.26 4.09
C GLU A 389 16.75 -0.11 3.49
N LYS A 390 15.74 -0.11 4.37
CA LYS A 390 14.40 0.26 3.95
C LYS A 390 14.33 1.77 3.72
N ILE A 391 13.89 2.11 2.52
CA ILE A 391 13.36 3.43 2.17
C ILE A 391 12.09 3.70 3.03
N HIS A 392 11.73 4.97 3.22
CA HIS A 392 10.53 5.30 4.00
C HIS A 392 9.55 6.30 3.35
N ASN A 393 9.64 6.49 2.04
CA ASN A 393 8.69 7.34 1.31
C ASN A 393 7.28 6.80 1.63
N LYS A 394 6.30 7.69 1.75
CA LYS A 394 4.90 7.26 1.74
C LYS A 394 4.62 6.75 0.34
N LEU A 395 3.98 5.58 0.26
CA LEU A 395 3.50 5.06 -1.01
C LEU A 395 2.10 4.59 -0.82
N GLU A 396 1.17 5.21 -1.55
CA GLU A 396 -0.25 4.96 -1.31
C GLU A 396 -0.86 4.07 -2.40
N PHE A 397 -1.85 3.29 -1.98
CA PHE A 397 -2.51 2.34 -2.85
C PHE A 397 -4.00 2.32 -2.61
N PRO A 398 -4.78 2.03 -3.65
CA PRO A 398 -6.23 2.10 -3.55
C PRO A 398 -6.95 0.86 -3.03
N GLN A 399 -8.17 1.08 -2.51
CA GLN A 399 -9.06 -0.03 -2.13
C GLN A 399 -9.58 -0.73 -3.37
N VAL A 400 -9.83 0.04 -4.41
CA VAL A 400 -10.18 -0.51 -5.72
C VAL A 400 -9.15 -0.15 -6.78
N LEU A 401 -8.60 -1.17 -7.42
CA LEU A 401 -7.53 -0.96 -8.40
C LEU A 401 -8.02 -1.38 -9.77
N TYR A 402 -8.02 -0.43 -10.72
CA TYR A 402 -8.47 -0.74 -12.09
C TYR A 402 -7.28 -1.04 -13.02
N LEU A 403 -7.13 -2.31 -13.39
CA LEU A 403 -5.94 -2.75 -14.17
C LEU A 403 -5.96 -2.56 -15.69
N ASP A 404 -7.09 -2.12 -16.27
CA ASP A 404 -7.25 -2.12 -17.74
C ASP A 404 -6.12 -1.42 -18.55
N ARG A 405 -5.58 -0.31 -18.04
CA ARG A 405 -4.44 0.32 -18.71
C ARG A 405 -3.23 -0.62 -18.94
N TYR A 406 -3.11 -1.68 -18.16
CA TYR A 406 -1.90 -2.48 -18.18
C TYR A 406 -1.99 -3.70 -19.11
N MET A 407 -2.89 -3.68 -20.09
CA MET A 407 -3.11 -4.86 -20.96
C MET A 407 -3.12 -4.62 -22.48
N HIS A 408 -2.65 -5.66 -23.18
CA HIS A 408 -2.69 -5.75 -24.64
C HIS A 408 -3.99 -5.20 -25.29
N ARG A 409 -5.16 -5.55 -24.75
CA ARG A 409 -6.43 -4.93 -25.20
C ARG A 409 -6.25 -3.42 -25.42
N ASN A 410 -5.84 -2.71 -24.38
CA ASN A 410 -5.69 -1.25 -24.44
C ASN A 410 -4.25 -0.76 -24.66
N ARG A 411 -3.34 -1.66 -25.03
CA ARG A 411 -1.99 -1.33 -25.52
C ARG A 411 -1.88 -0.03 -26.36
N GLU A 412 -2.78 0.14 -27.33
CA GLU A 412 -2.76 1.30 -28.23
C GLU A 412 -3.05 2.60 -27.49
N ILE A 413 -4.10 2.62 -26.68
CA ILE A 413 -4.62 3.86 -26.09
C ILE A 413 -3.72 4.31 -24.95
N THR A 414 -3.45 3.39 -24.04
CA THR A 414 -2.46 3.56 -22.97
C THR A 414 -1.20 4.25 -23.49
N ARG A 415 -0.50 3.61 -24.42
CA ARG A 415 0.67 4.23 -25.05
C ARG A 415 0.44 5.69 -25.52
N ILE A 416 -0.76 5.99 -25.99
CA ILE A 416 -1.10 7.36 -26.41
C ILE A 416 -1.30 8.27 -25.20
N LYS A 417 -1.93 7.75 -24.15
CA LYS A 417 -2.12 8.54 -22.90
C LYS A 417 -0.74 8.86 -22.31
N ARG A 418 0.08 7.82 -22.15
CA ARG A 418 1.42 7.93 -21.60
C ARG A 418 2.28 9.03 -22.22
N GLU A 419 2.10 9.31 -23.51
CA GLU A 419 2.78 10.44 -24.17
C GLU A 419 2.24 11.72 -23.57
N GLU A 420 0.93 11.88 -23.64
CA GLU A 420 0.28 13.11 -23.18
C GLU A 420 0.61 13.40 -21.70
N ILE A 421 0.51 12.37 -20.84
CA ILE A 421 1.02 12.43 -19.45
C ILE A 421 2.41 13.07 -19.43
N LYS A 422 3.34 12.50 -20.20
CA LYS A 422 4.74 12.93 -20.14
C LYS A 422 4.88 14.37 -20.61
N ARG A 423 4.28 14.67 -21.75
CA ARG A 423 4.29 16.02 -22.27
C ARG A 423 3.62 17.01 -21.32
N LEU A 424 2.69 16.56 -20.46
CA LEU A 424 2.10 17.44 -19.42
C LEU A 424 3.00 17.62 -18.21
N LYS A 425 3.48 16.50 -17.67
CA LYS A 425 4.47 16.51 -16.61
C LYS A 425 5.60 17.48 -16.98
N ASP A 426 6.16 17.30 -18.20
CA ASP A 426 7.13 18.25 -18.78
C ASP A 426 6.68 19.69 -18.60
N TYR A 427 5.44 19.98 -18.98
CA TYR A 427 4.88 21.32 -18.89
C TYR A 427 4.86 21.82 -17.43
N LEU A 428 4.16 21.10 -16.54
CA LEU A 428 4.06 21.61 -15.16
C LEU A 428 5.43 21.82 -14.54
N THR A 429 6.41 21.00 -14.89
CA THR A 429 7.78 21.25 -14.41
C THR A 429 8.23 22.69 -14.66
N VAL A 430 8.01 23.18 -15.88
CA VAL A 430 8.22 24.59 -16.21
C VAL A 430 7.39 25.54 -15.33
N LEU A 431 6.13 25.21 -15.14
CA LEU A 431 5.31 26.04 -14.27
C LEU A 431 5.82 26.00 -12.83
N GLN A 432 6.31 24.84 -12.40
CA GLN A 432 6.75 24.68 -11.04
C GLN A 432 8.03 25.46 -10.85
N GLN A 433 8.98 25.31 -11.77
CA GLN A 433 10.19 26.14 -11.76
C GLN A 433 9.81 27.61 -11.73
N ARG A 434 8.98 28.03 -12.68
CA ARG A 434 8.63 29.45 -12.78
C ARG A 434 7.91 29.95 -11.53
N LEU A 435 7.20 29.06 -10.85
CA LEU A 435 6.56 29.39 -9.57
C LEU A 435 7.59 29.54 -8.49
N GLU A 436 8.46 28.53 -8.38
CA GLU A 436 9.48 28.54 -7.31
C GLU A 436 10.13 29.91 -7.25
N ARG A 437 10.47 30.47 -8.40
CA ARG A 437 11.13 31.77 -8.36
C ARG A 437 10.32 32.90 -7.67
N TYR A 438 9.01 32.95 -7.85
CA TYR A 438 8.18 33.90 -7.09
C TYR A 438 8.30 33.65 -5.57
N LEU A 439 8.34 32.37 -5.21
CA LEU A 439 8.19 31.97 -3.80
C LEU A 439 9.48 32.04 -3.01
N SER A 440 10.58 31.79 -3.72
CA SER A 440 11.90 31.61 -3.18
C SER A 440 12.81 32.46 -4.04
N TYR A 441 12.71 33.75 -3.79
CA TYR A 441 13.31 34.79 -4.61
C TYR A 441 14.47 35.37 -3.87
N GLY A 442 15.54 35.70 -4.61
CA GLY A 442 16.77 36.31 -4.07
C GLY A 442 18.06 35.87 -4.78
N SER A 443 19.02 36.79 -4.90
CA SER A 443 20.35 36.46 -5.43
C SER A 443 21.24 35.78 -4.41
N GLY A 444 21.00 36.05 -3.13
CA GLY A 444 21.82 35.54 -2.05
C GLY A 444 21.57 34.08 -1.70
N PRO A 445 22.17 33.61 -0.56
CA PRO A 445 22.03 32.23 -0.13
C PRO A 445 20.71 31.95 0.58
N LYS A 446 20.24 32.90 1.37
CA LYS A 446 18.88 32.85 1.92
C LYS A 446 17.95 33.62 0.99
N ARG A 447 16.85 32.99 0.58
CA ARG A 447 15.91 33.64 -0.30
C ARG A 447 14.45 33.53 0.17
N PHE A 448 13.64 34.58 -0.10
CA PHE A 448 12.31 34.80 0.56
C PHE A 448 11.24 35.01 -0.49
N PRO A 449 9.97 35.07 -0.08
CA PRO A 449 8.93 35.26 -1.09
C PRO A 449 8.92 36.68 -1.69
N LEU A 450 8.90 36.76 -3.03
CA LEU A 450 8.97 38.09 -3.66
C LEU A 450 7.89 39.04 -3.15
N VAL A 451 6.67 38.51 -3.02
CA VAL A 451 5.54 39.18 -2.35
C VAL A 451 6.03 39.90 -1.08
N ASP A 452 6.62 39.12 -0.18
CA ASP A 452 7.07 39.63 1.12
C ASP A 452 8.17 40.67 1.02
N VAL A 453 9.08 40.56 0.04
CA VAL A 453 10.17 41.57 -0.05
C VAL A 453 9.58 42.91 -0.52
N LEU A 454 8.68 42.86 -1.50
CA LEU A 454 8.01 44.06 -1.98
C LEU A 454 7.16 44.62 -0.89
N GLN A 455 6.33 43.78 -0.27
CA GLN A 455 5.54 44.27 0.90
C GLN A 455 6.45 44.94 1.93
N TYR A 456 7.53 44.28 2.35
CA TYR A 456 8.37 44.83 3.41
C TYR A 456 9.21 46.05 2.96
N ALA A 457 9.45 46.20 1.66
CA ALA A 457 10.12 47.40 1.14
C ALA A 457 9.24 48.64 1.39
N LEU A 458 8.04 48.59 0.80
CA LEU A 458 7.05 49.65 0.93
C LEU A 458 6.75 50.02 2.39
N GLU A 459 6.83 49.05 3.30
CA GLU A 459 6.64 49.26 4.75
C GLU A 459 7.72 50.16 5.28
N PHE A 460 8.95 49.89 4.84
CA PHE A 460 10.13 50.65 5.22
C PHE A 460 10.16 52.02 4.60
N ALA A 461 9.85 52.11 3.30
CA ALA A 461 9.71 53.43 2.64
C ALA A 461 8.61 54.27 3.33
N SER A 462 7.45 53.63 3.51
CA SER A 462 6.31 54.22 4.22
C SER A 462 6.55 54.39 5.73
N SER A 463 7.64 53.84 6.27
CA SER A 463 8.00 54.08 7.66
C SER A 463 8.32 55.56 7.88
N LYS A 464 7.90 56.08 9.05
CA LYS A 464 8.03 57.49 9.43
C LYS A 464 9.53 57.80 9.67
N PRO A 465 10.15 58.70 8.86
CA PRO A 465 11.62 58.95 8.85
C PRO A 465 12.31 59.22 10.19
N VAL A 466 13.62 58.91 10.28
CA VAL A 466 14.40 59.25 11.52
C VAL A 466 15.92 59.30 11.28
N CYS A 467 16.64 60.11 12.08
CA CYS A 467 18.06 60.46 11.85
C CYS A 467 19.11 59.84 12.79
N THR A 468 18.71 59.41 14.00
CA THR A 468 19.65 58.98 15.02
C THR A 468 19.21 57.70 15.73
N SER A 469 19.39 56.55 15.08
CA SER A 469 19.13 55.23 15.70
C SER A 469 20.40 54.36 16.02
N PRO A 470 21.52 55.02 16.43
CA PRO A 470 22.59 54.31 17.17
C PRO A 470 22.90 54.81 18.60
N VAL A 471 22.36 55.98 18.98
CA VAL A 471 22.48 56.55 20.34
C VAL A 471 21.16 57.26 20.67
N ASP A 472 20.57 56.98 21.84
CA ASP A 472 19.29 57.58 22.27
C ASP A 472 19.50 58.93 22.96
N SER A 518 -15.32 52.74 32.72
CA SER A 518 -15.29 51.76 31.64
C SER A 518 -15.72 52.35 30.30
N VAL A 519 -14.79 52.36 29.34
CA VAL A 519 -14.98 53.05 28.05
C VAL A 519 -15.86 52.25 27.07
N ILE A 520 -16.79 52.97 26.44
CA ILE A 520 -17.65 52.44 25.39
C ILE A 520 -16.93 52.54 24.06
N HIS A 521 -16.82 51.43 23.34
CA HIS A 521 -16.09 51.44 22.07
C HIS A 521 -17.05 51.54 20.91
N LYS A 522 -16.74 52.40 19.94
CA LYS A 522 -17.61 52.52 18.77
C LYS A 522 -17.37 51.31 17.87
N PRO A 523 -18.39 50.87 17.12
CA PRO A 523 -18.38 49.65 16.33
C PRO A 523 -17.10 49.21 15.65
N PHE A 524 -16.54 50.00 14.75
CA PHE A 524 -15.48 49.45 13.91
C PHE A 524 -14.09 49.99 14.23
N THR A 525 -14.00 50.57 15.43
CA THR A 525 -12.74 51.13 15.91
C THR A 525 -11.79 50.01 16.33
N GLN A 526 -10.54 50.38 16.56
CA GLN A 526 -9.53 49.54 17.19
C GLN A 526 -9.07 50.26 18.46
N SER A 527 -9.30 49.67 19.62
CA SER A 527 -8.54 50.04 20.84
C SER A 527 -7.08 49.62 20.68
N ARG A 528 -6.26 49.94 21.67
CA ARG A 528 -4.88 49.39 21.75
C ARG A 528 -3.94 49.54 20.52
N ILE A 529 -4.27 50.40 19.55
CA ILE A 529 -3.40 50.62 18.36
C ILE A 529 -2.22 51.51 18.80
N PRO A 530 -0.96 51.06 18.62
CA PRO A 530 0.14 51.79 19.29
C PRO A 530 0.32 53.23 18.79
N PRO A 531 1.01 54.09 19.58
CA PRO A 531 1.35 55.42 19.06
C PRO A 531 2.32 55.34 17.88
N ASP A 532 2.28 56.31 16.95
CA ASP A 532 3.06 56.28 15.68
C ASP A 532 4.47 56.95 15.78
N LEU A 533 5.15 56.76 16.91
CA LEU A 533 6.41 57.45 17.20
C LEU A 533 7.53 56.78 16.41
N PRO A 534 8.30 57.56 15.60
CA PRO A 534 9.26 56.92 14.69
C PRO A 534 10.47 56.40 15.44
N MET A 535 11.11 55.37 14.88
CA MET A 535 12.06 54.57 15.66
C MET A 535 12.83 53.55 14.83
N HIS A 536 13.65 52.78 15.56
CA HIS A 536 14.14 51.47 15.14
C HIS A 536 14.72 51.67 13.71
N PRO A 537 14.31 50.87 12.68
CA PRO A 537 14.73 51.31 11.36
C PRO A 537 13.60 52.02 10.63
N ALA A 538 13.92 53.22 10.19
CA ALA A 538 13.14 53.99 9.22
C ALA A 538 14.20 54.74 8.41
N PRO A 539 13.86 55.22 7.20
CA PRO A 539 14.91 55.94 6.45
C PRO A 539 15.20 57.34 7.00
N ARG A 540 16.36 57.86 6.60
CA ARG A 540 16.82 59.14 7.12
C ARG A 540 16.11 60.34 6.46
N HIS A 541 15.68 60.17 5.21
CA HIS A 541 14.92 61.21 4.52
C HIS A 541 14.33 60.67 3.24
N ILE A 542 13.40 61.43 2.68
CA ILE A 542 12.56 60.96 1.60
C ILE A 542 11.74 62.16 1.05
N THR A 543 11.73 62.35 -0.27
CA THR A 543 10.83 63.34 -0.90
C THR A 543 9.37 62.86 -0.83
N GLU A 544 8.42 63.77 -0.96
CA GLU A 544 7.02 63.40 -1.23
C GLU A 544 6.86 62.71 -2.59
N GLU A 545 7.72 63.10 -3.53
CA GLU A 545 7.71 62.57 -4.88
C GLU A 545 8.77 61.48 -5.12
N GLU A 546 9.44 61.04 -4.05
CA GLU A 546 10.21 59.80 -4.02
C GLU A 546 9.25 58.73 -3.53
N LEU A 547 8.59 59.02 -2.39
CA LEU A 547 7.54 58.17 -1.81
C LEU A 547 6.54 57.71 -2.85
N SER A 548 5.77 58.64 -3.41
CA SER A 548 4.64 58.25 -4.28
C SER A 548 5.04 57.60 -5.63
N VAL A 549 6.29 57.74 -6.03
CA VAL A 549 6.87 56.89 -7.09
C VAL A 549 6.97 55.46 -6.58
N LEU A 550 7.62 55.28 -5.41
CA LEU A 550 7.79 53.96 -4.78
C LEU A 550 6.42 53.33 -4.65
N GLU A 551 5.52 54.00 -3.93
CA GLU A 551 4.14 53.53 -3.73
C GLU A 551 3.39 53.12 -5.01
N SER A 552 3.50 53.94 -6.06
CA SER A 552 3.00 53.54 -7.37
C SER A 552 3.66 52.24 -7.81
N CYS A 553 5.00 52.22 -7.81
CA CYS A 553 5.77 51.12 -8.40
C CYS A 553 5.61 49.76 -7.71
N LEU A 554 5.76 49.78 -6.39
CA LEU A 554 5.68 48.56 -5.58
C LEU A 554 4.22 48.12 -5.49
N HIS A 555 3.32 49.00 -5.08
CA HIS A 555 1.93 48.59 -4.82
C HIS A 555 1.26 48.02 -6.06
N ARG A 556 1.77 48.44 -7.23
CA ARG A 556 1.43 47.86 -8.54
C ARG A 556 2.02 46.46 -8.69
N TRP A 557 3.34 46.37 -8.52
CA TRP A 557 4.09 45.12 -8.69
C TRP A 557 3.63 43.97 -7.75
N ARG A 558 3.49 44.30 -6.47
CA ARG A 558 2.88 43.41 -5.53
C ARG A 558 1.66 42.74 -6.12
N THR A 559 0.76 43.51 -6.71
CA THR A 559 -0.47 42.94 -7.27
C THR A 559 -0.12 42.12 -8.53
N GLU A 560 0.85 42.58 -9.33
CA GLU A 560 1.34 41.81 -10.48
C GLU A 560 1.86 40.41 -10.08
N ILE A 561 2.40 40.31 -8.86
CA ILE A 561 2.90 39.04 -8.34
C ILE A 561 1.76 38.23 -7.72
N GLU A 562 1.01 38.89 -6.84
CA GLU A 562 -0.10 38.25 -6.12
C GLU A 562 -0.98 37.48 -7.08
N ASN A 563 -1.11 37.99 -8.31
CA ASN A 563 -1.86 37.31 -9.38
C ASN A 563 -1.03 36.26 -10.14
N ASP A 564 0.11 36.65 -10.70
CA ASP A 564 0.97 35.66 -11.36
C ASP A 564 1.10 34.37 -10.52
N THR A 565 1.33 34.50 -9.21
CA THR A 565 1.40 33.35 -8.30
C THR A 565 0.11 32.52 -8.48
N ARG A 566 -1.02 33.17 -8.20
CA ARG A 566 -2.36 32.58 -8.29
C ARG A 566 -2.54 31.81 -9.59
N ASP A 567 -2.24 32.47 -10.72
CA ASP A 567 -2.34 31.88 -12.05
C ASP A 567 -1.43 30.68 -12.24
N LEU A 568 -0.23 30.74 -11.66
CA LEU A 568 0.69 29.60 -11.76
C LEU A 568 0.20 28.43 -10.91
N GLN A 569 -0.30 28.68 -9.70
CA GLN A 569 -0.89 27.60 -8.88
C GLN A 569 -2.10 26.99 -9.56
N GLU A 570 -2.97 27.88 -10.04
CA GLU A 570 -4.20 27.49 -10.73
C GLU A 570 -3.88 26.69 -11.98
N SER A 571 -2.89 27.13 -12.76
CA SER A 571 -2.42 26.37 -13.94
C SER A 571 -1.98 24.97 -13.58
N ILE A 572 -1.21 24.86 -12.49
CA ILE A 572 -0.72 23.57 -12.05
C ILE A 572 -1.88 22.68 -11.58
N SER A 573 -2.70 23.17 -10.65
CA SER A 573 -3.84 22.37 -10.16
C SER A 573 -4.55 21.68 -11.32
N ARG A 574 -4.88 22.47 -12.33
CA ARG A 574 -5.54 21.95 -13.53
C ARG A 574 -4.76 20.79 -14.17
N ILE A 575 -3.47 21.01 -14.39
CA ILE A 575 -2.64 20.01 -15.05
C ILE A 575 -2.58 18.76 -14.21
N HIS A 576 -2.49 18.92 -12.89
CA HIS A 576 -2.58 17.76 -12.00
C HIS A 576 -3.89 17.04 -12.24
N ARG A 577 -5.02 17.77 -12.08
CA ARG A 577 -6.36 17.19 -12.31
C ARG A 577 -6.41 16.37 -13.59
N THR A 578 -6.01 17.01 -14.69
CA THR A 578 -5.94 16.37 -16.00
C THR A 578 -5.23 15.02 -15.98
N ILE A 579 -4.09 14.96 -15.30
CA ILE A 579 -3.31 13.73 -15.23
C ILE A 579 -4.04 12.69 -14.39
N GLU A 580 -4.77 13.15 -13.36
CA GLU A 580 -5.48 12.25 -12.46
C GLU A 580 -6.54 11.54 -13.24
N LEU A 581 -7.22 12.27 -14.11
CA LEU A 581 -8.37 11.73 -14.86
C LEU A 581 -8.02 11.00 -16.16
N MET A 582 -6.76 11.09 -16.60
CA MET A 582 -6.29 10.49 -17.88
C MET A 582 -6.80 9.09 -18.16
N TYR A 583 -6.86 8.25 -17.14
CA TYR A 583 -7.27 6.88 -17.31
C TYR A 583 -8.63 6.62 -16.66
N SER A 584 -9.53 7.61 -16.68
CA SER A 584 -10.71 7.60 -15.80
C SER A 584 -12.05 7.77 -16.50
N ASP A 585 -12.48 6.70 -17.15
CA ASP A 585 -13.87 6.54 -17.56
C ASP A 585 -14.11 5.11 -18.13
N LYS A 586 -15.33 4.87 -18.59
CA LYS A 586 -15.69 3.59 -19.18
C LYS A 586 -14.73 3.26 -20.29
N SER A 587 -14.43 1.97 -20.42
CA SER A 587 -13.32 1.39 -21.22
C SER A 587 -12.01 1.28 -20.41
N MET A 588 -11.79 2.25 -19.52
CA MET A 588 -10.67 2.19 -18.58
C MET A 588 -11.12 2.11 -17.11
N ILE A 589 -12.39 1.86 -16.85
CA ILE A 589 -12.86 1.53 -15.51
C ILE A 589 -13.48 0.10 -15.51
N GLN A 590 -12.92 -0.78 -16.33
CA GLN A 590 -13.53 -2.09 -16.61
C GLN A 590 -12.90 -3.33 -15.99
N VAL A 591 -11.73 -3.23 -15.35
CA VAL A 591 -11.03 -4.40 -14.77
C VAL A 591 -10.68 -4.09 -13.31
N PRO A 592 -11.69 -4.13 -12.43
CA PRO A 592 -11.54 -3.63 -11.06
C PRO A 592 -11.09 -4.73 -10.15
N TYR A 593 -10.34 -4.35 -9.11
CA TYR A 593 -9.82 -5.29 -8.13
C TYR A 593 -9.99 -4.75 -6.72
N ARG A 594 -10.59 -5.57 -5.86
CA ARG A 594 -10.73 -5.25 -4.43
C ARG A 594 -9.44 -5.58 -3.77
N LEU A 595 -8.95 -4.64 -2.99
CA LEU A 595 -7.82 -4.94 -2.15
C LEU A 595 -8.36 -5.90 -1.09
N HIS A 596 -7.85 -7.12 -1.05
CA HIS A 596 -8.35 -8.12 -0.06
C HIS A 596 -7.55 -8.11 1.23
N ALA A 597 -6.22 -8.14 1.07
CA ALA A 597 -5.31 -8.25 2.20
C ALA A 597 -4.03 -7.43 1.98
N VAL A 598 -3.52 -6.90 3.09
CA VAL A 598 -2.28 -6.14 3.11
C VAL A 598 -1.39 -6.76 4.14
N LEU A 599 -0.14 -7.07 3.77
CA LEU A 599 0.79 -7.64 4.74
C LEU A 599 1.80 -6.57 5.05
N VAL A 600 1.96 -6.30 6.34
CA VAL A 600 2.81 -5.20 6.73
C VAL A 600 3.87 -5.73 7.62
N HIS A 601 5.00 -5.04 7.59
CA HIS A 601 6.16 -5.40 8.38
C HIS A 601 6.89 -4.17 8.96
N GLU A 602 7.02 -4.15 10.29
CA GLU A 602 7.92 -3.27 11.04
C GLU A 602 9.21 -3.99 11.41
N GLY A 603 10.33 -3.27 11.43
CA GLY A 603 11.59 -3.77 11.97
C GLY A 603 12.69 -3.94 10.94
N GLN A 604 13.77 -4.60 11.31
CA GLN A 604 14.95 -4.59 10.44
C GLN A 604 14.82 -5.64 9.34
N ALA A 605 15.78 -5.69 8.43
CA ALA A 605 15.73 -6.56 7.25
C ALA A 605 15.53 -8.06 7.56
N ASN A 606 16.38 -8.62 8.43
CA ASN A 606 16.30 -10.04 8.81
C ASN A 606 15.24 -10.31 9.90
N ALA A 607 15.25 -9.47 10.92
CA ALA A 607 14.39 -9.61 12.09
C ALA A 607 13.36 -8.48 12.09
N GLY A 608 12.11 -8.89 11.97
CA GLY A 608 11.00 -7.96 12.04
C GLY A 608 9.90 -8.44 12.97
N HIS A 609 8.83 -7.65 13.00
CA HIS A 609 7.52 -8.14 13.37
C HIS A 609 6.68 -8.04 12.06
N TYR A 610 5.72 -8.94 11.85
CA TYR A 610 4.79 -8.88 10.71
C TYR A 610 3.34 -8.96 11.19
N TRP A 611 2.44 -8.41 10.39
CA TRP A 611 1.01 -8.61 10.62
C TRP A 611 0.24 -8.29 9.36
N ALA A 612 -1.09 -8.45 9.44
CA ALA A 612 -1.93 -8.36 8.24
C ALA A 612 -3.21 -7.63 8.46
N TYR A 613 -3.68 -6.99 7.38
CA TYR A 613 -5.02 -6.42 7.34
C TYR A 613 -5.81 -7.20 6.29
N ILE A 614 -7.05 -7.56 6.60
CA ILE A 614 -7.85 -8.37 5.70
C ILE A 614 -9.30 -7.89 5.68
N PHE A 615 -9.88 -7.74 4.49
CA PHE A 615 -11.26 -7.23 4.32
C PHE A 615 -12.18 -8.37 4.70
N ASP A 616 -13.23 -8.09 5.48
CA ASP A 616 -14.21 -9.10 5.87
C ASP A 616 -15.13 -9.52 4.70
N HIS A 617 -15.52 -8.54 3.88
CA HIS A 617 -16.36 -8.74 2.66
C HIS A 617 -17.83 -8.83 3.05
N ARG A 618 -18.17 -9.90 3.78
CA ARG A 618 -19.54 -10.11 4.29
C ARG A 618 -19.95 -9.06 5.32
N GLU A 619 -19.21 -8.99 6.43
CA GLU A 619 -19.37 -7.91 7.41
C GLU A 619 -18.86 -6.57 6.85
N SER A 620 -17.99 -6.62 5.83
CA SER A 620 -17.54 -5.46 5.03
C SER A 620 -16.77 -4.42 5.85
N ARG A 621 -15.69 -4.89 6.46
CA ARG A 621 -14.93 -4.16 7.45
C ARG A 621 -13.50 -4.69 7.43
N TRP A 622 -12.55 -3.81 7.62
CA TRP A 622 -11.15 -4.20 7.61
C TRP A 622 -10.80 -4.78 8.97
N MET A 623 -10.20 -5.97 8.97
CA MET A 623 -9.85 -6.69 10.19
C MET A 623 -8.33 -6.76 10.27
N LYS A 624 -7.77 -6.41 11.44
CA LYS A 624 -6.31 -6.40 11.66
C LYS A 624 -5.92 -7.67 12.41
N TYR A 625 -5.29 -8.61 11.70
CA TYR A 625 -4.77 -9.89 12.26
C TYR A 625 -3.28 -9.81 12.74
N ASN A 626 -3.08 -9.49 14.03
CA ASN A 626 -1.74 -9.43 14.66
C ASN A 626 -1.52 -10.62 15.62
N ASP A 627 -0.88 -11.66 15.09
CA ASP A 627 -0.61 -12.92 15.81
C ASP A 627 -1.85 -13.46 16.54
N ILE A 628 -1.78 -13.58 17.85
CA ILE A 628 -2.94 -13.96 18.66
C ILE A 628 -4.18 -13.07 18.40
N ALA A 629 -4.00 -11.76 18.24
CA ALA A 629 -5.09 -10.78 18.41
C ALA A 629 -5.68 -10.21 17.11
N VAL A 630 -6.92 -10.61 16.82
CA VAL A 630 -7.66 -10.21 15.64
C VAL A 630 -8.69 -9.16 15.96
N THR A 631 -8.35 -7.90 15.68
CA THR A 631 -9.20 -6.77 16.02
C THR A 631 -9.97 -6.22 14.80
N LYS A 632 -11.17 -5.72 15.07
CA LYS A 632 -11.91 -4.93 14.09
C LYS A 632 -11.12 -3.64 13.90
N SER A 633 -10.83 -3.31 12.64
CA SER A 633 -9.99 -2.16 12.30
C SER A 633 -10.65 -1.32 11.21
N SER A 634 -9.87 -0.41 10.62
CA SER A 634 -10.36 0.49 9.58
C SER A 634 -9.35 0.73 8.47
N TRP A 635 -9.88 1.23 7.35
CA TRP A 635 -9.05 1.72 6.27
C TRP A 635 -8.09 2.82 6.74
N GLU A 636 -8.61 3.76 7.53
CA GLU A 636 -7.78 4.85 8.05
C GLU A 636 -6.61 4.32 8.88
N GLU A 637 -6.87 3.28 9.68
CA GLU A 637 -5.82 2.69 10.52
C GLU A 637 -4.84 1.96 9.65
N LEU A 638 -5.37 1.04 8.86
CA LEU A 638 -4.57 0.32 7.86
C LEU A 638 -3.57 1.28 7.21
N VAL A 639 -4.13 2.36 6.65
CA VAL A 639 -3.30 3.36 5.96
C VAL A 639 -2.08 3.81 6.78
N ARG A 640 -2.28 4.08 8.08
CA ARG A 640 -1.16 4.52 8.91
C ARG A 640 -0.02 3.47 8.96
N ASP A 641 -0.38 2.17 9.00
CA ASP A 641 0.66 1.13 9.10
C ASP A 641 1.28 0.89 7.75
N SER A 642 0.41 0.67 6.76
CA SER A 642 0.80 0.19 5.42
C SER A 642 1.55 1.18 4.52
N PHE A 643 1.16 2.44 4.47
CA PHE A 643 1.70 3.35 3.45
C PHE A 643 3.14 3.77 3.64
N GLY A 644 3.61 3.76 4.88
CA GLY A 644 4.99 4.14 5.18
C GLY A 644 5.05 5.60 5.49
N GLY A 645 6.24 6.08 5.86
CA GLY A 645 6.37 7.45 6.36
C GLY A 645 5.78 7.63 7.75
N TYR A 646 4.47 7.32 7.92
CA TYR A 646 3.77 7.55 9.20
C TYR A 646 4.43 6.79 10.34
N ARG A 647 4.31 5.46 10.36
CA ARG A 647 4.99 4.68 11.40
C ARG A 647 6.30 4.10 10.87
N ASN A 648 6.96 3.31 11.70
CA ASN A 648 8.15 2.59 11.25
C ASN A 648 7.73 1.48 10.26
N ALA A 649 6.59 0.86 10.54
CA ALA A 649 5.97 -0.13 9.66
C ALA A 649 5.53 0.41 8.31
N SER A 650 5.25 -0.54 7.44
CA SER A 650 5.08 -0.30 6.02
C SER A 650 4.60 -1.65 5.42
N ALA A 651 3.88 -1.60 4.31
CA ALA A 651 3.33 -2.81 3.65
C ALA A 651 4.34 -3.39 2.70
N TYR A 652 4.35 -4.71 2.55
CA TYR A 652 5.29 -5.33 1.59
C TYR A 652 4.62 -6.25 0.58
N CYS A 653 3.50 -6.88 0.95
CA CYS A 653 2.62 -7.53 0.00
C CYS A 653 1.26 -6.84 0.01
N LEU A 654 0.82 -6.46 -1.19
CA LEU A 654 -0.58 -6.17 -1.44
C LEU A 654 -1.23 -7.35 -2.13
N MET A 655 -2.42 -7.75 -1.68
CA MET A 655 -3.17 -8.85 -2.31
C MET A 655 -4.55 -8.43 -2.79
N TYR A 656 -4.66 -8.18 -4.09
CA TYR A 656 -5.94 -7.82 -4.70
C TYR A 656 -6.69 -9.03 -5.28
N ILE A 657 -8.03 -8.97 -5.28
CA ILE A 657 -8.88 -9.99 -5.93
C ILE A 657 -9.84 -9.35 -6.92
N ASN A 658 -10.14 -10.12 -7.96
CA ASN A 658 -10.91 -9.64 -9.11
C ASN A 658 -12.35 -9.45 -8.69
N ASP A 659 -12.91 -8.27 -8.93
CA ASP A 659 -14.29 -7.99 -8.48
C ASP A 659 -15.27 -8.88 -9.24
N LYS A 660 -15.08 -8.95 -10.57
CA LYS A 660 -15.90 -9.75 -11.47
C LYS A 660 -15.94 -11.20 -11.03
N ALA A 661 -14.78 -11.78 -10.70
CA ALA A 661 -14.71 -13.16 -10.14
C ALA A 661 -15.14 -13.20 -8.66
N GLN A 662 -16.37 -12.74 -8.45
CA GLN A 662 -16.87 -12.34 -7.15
C GLN A 662 -16.89 -13.53 -6.21
N PHE A 663 -17.49 -14.60 -6.69
CA PHE A 663 -17.74 -15.74 -5.85
C PHE A 663 -16.84 -16.93 -6.18
N LEU A 664 -16.13 -16.91 -7.30
CA LEU A 664 -15.16 -17.97 -7.54
C LEU A 664 -14.22 -17.99 -6.33
N ILE A 665 -14.07 -16.82 -5.69
CA ILE A 665 -13.29 -16.67 -4.47
C ILE A 665 -14.07 -16.42 -3.18
N GLN A 666 -15.10 -15.58 -3.21
CA GLN A 666 -15.82 -15.18 -1.97
C GLN A 666 -17.24 -15.74 -1.78
N GLU A 667 -17.55 -16.81 -2.51
CA GLU A 667 -18.77 -17.61 -2.34
C GLU A 667 -18.77 -18.33 -1.00
N GLU A 668 -19.93 -18.88 -0.63
CA GLU A 668 -20.00 -19.96 0.36
C GLU A 668 -20.95 -21.08 -0.14
N PHE A 669 -20.39 -22.06 -0.88
CA PHE A 669 -21.15 -23.19 -1.44
C PHE A 669 -22.35 -23.58 -0.54
N ASN A 670 -23.57 -23.15 -0.91
CA ASN A 670 -24.74 -23.29 -0.03
C ASN A 670 -25.47 -24.63 -0.23
N LYS A 671 -26.12 -25.13 0.83
CA LYS A 671 -27.05 -26.29 0.77
C LYS A 671 -28.12 -26.23 1.88
N GLU A 672 -29.40 -26.07 1.49
CA GLU A 672 -30.50 -26.02 2.47
C GLU A 672 -31.87 -26.03 1.77
N ILE A 680 -18.92 -24.37 12.00
CA ILE A 680 -18.44 -25.68 12.49
C ILE A 680 -19.04 -26.81 11.68
N GLU A 681 -20.36 -26.75 11.49
CA GLU A 681 -21.08 -27.73 10.67
C GLU A 681 -20.90 -27.42 9.19
N THR A 682 -19.67 -27.15 8.79
CA THR A 682 -19.36 -26.73 7.45
C THR A 682 -18.08 -27.42 6.98
N LEU A 683 -17.70 -28.50 7.67
CA LEU A 683 -16.39 -29.14 7.55
C LEU A 683 -16.56 -30.63 7.27
N PRO A 684 -15.59 -31.25 6.54
CA PRO A 684 -15.59 -32.70 6.35
C PRO A 684 -15.70 -33.50 7.66
N PRO A 685 -16.17 -34.76 7.57
CA PRO A 685 -16.34 -35.59 8.77
C PRO A 685 -15.03 -35.84 9.52
N ASP A 686 -13.92 -36.04 8.79
CA ASP A 686 -12.56 -36.04 9.38
C ASP A 686 -12.40 -35.01 10.49
N LEU A 687 -12.57 -33.77 10.05
CA LEU A 687 -12.09 -32.61 10.76
C LEU A 687 -13.16 -32.20 11.73
N ARG A 688 -14.42 -32.28 11.27
CA ARG A 688 -15.60 -32.07 12.12
C ARG A 688 -15.48 -32.84 13.43
N ASP A 689 -14.93 -34.07 13.36
CA ASP A 689 -14.70 -34.88 14.56
C ASP A 689 -13.65 -34.25 15.45
N PHE A 690 -12.42 -34.17 14.93
CA PHE A 690 -11.28 -33.64 15.68
C PHE A 690 -11.58 -32.29 16.33
N VAL A 691 -12.13 -31.39 15.53
CA VAL A 691 -12.47 -30.07 16.00
C VAL A 691 -13.50 -30.15 17.15
N GLU A 692 -14.44 -31.08 17.08
CA GLU A 692 -15.44 -31.22 18.17
C GLU A 692 -14.86 -31.90 19.41
N GLU A 693 -14.01 -32.91 19.22
CA GLU A 693 -13.29 -33.52 20.34
C GLU A 693 -12.56 -32.41 21.06
N ASP A 694 -11.70 -31.74 20.29
CA ASP A 694 -10.84 -30.70 20.81
C ASP A 694 -11.63 -29.53 21.36
N ASN A 695 -12.84 -29.30 20.85
CA ASN A 695 -13.78 -28.39 21.52
C ASN A 695 -14.04 -28.89 22.94
N GLN A 696 -14.59 -30.11 23.02
CA GLN A 696 -15.03 -30.69 24.29
C GLN A 696 -13.91 -30.71 25.32
N ARG A 697 -12.72 -31.14 24.87
CA ARG A 697 -11.49 -31.11 25.70
C ARG A 697 -11.25 -29.73 26.30
N PHE A 698 -11.42 -28.69 25.48
CA PHE A 698 -11.31 -27.32 25.94
C PHE A 698 -12.53 -26.93 26.80
N GLU A 699 -13.71 -27.49 26.51
CA GLU A 699 -14.90 -27.27 27.36
C GLU A 699 -14.67 -27.71 28.81
N LYS A 700 -14.12 -28.91 29.00
CA LYS A 700 -13.82 -29.45 30.33
C LYS A 700 -12.98 -28.48 31.18
N GLU A 701 -12.02 -27.81 30.54
CA GLU A 701 -11.20 -26.81 31.23
C GLU A 701 -12.04 -25.67 31.79
N LEU A 702 -13.17 -25.35 31.15
CA LEU A 702 -14.13 -24.36 31.67
C LEU A 702 -15.07 -24.88 32.77
N GLU A 703 -15.58 -26.10 32.63
CA GLU A 703 -16.25 -26.80 33.76
C GLU A 703 -15.31 -26.74 34.99
N GLU A 704 -14.05 -27.08 34.75
CA GLU A 704 -12.98 -26.93 35.75
C GLU A 704 -12.65 -25.49 36.19
N TRP A 705 -13.18 -24.44 35.54
CA TRP A 705 -12.91 -23.04 35.98
C TRP A 705 -13.92 -22.52 37.00
N ASP A 706 -15.21 -22.77 36.78
CA ASP A 706 -16.25 -22.45 37.77
C ASP A 706 -16.36 -23.54 38.86
N ALA A 707 -15.96 -24.78 38.54
CA ALA A 707 -15.76 -25.81 39.58
C ALA A 707 -14.52 -25.56 40.47
N GLN A 708 -13.57 -24.75 40.00
CA GLN A 708 -12.44 -24.26 40.82
C GLN A 708 -12.67 -22.88 41.49
N LEU A 709 -13.94 -22.52 41.71
CA LEU A 709 -14.29 -21.36 42.57
C LEU A 709 -14.28 -21.80 44.04
N ALA A 710 -14.81 -22.99 44.32
CA ALA A 710 -14.72 -23.64 45.64
C ALA A 710 -13.32 -24.24 45.85
#